data_1SQS
#
_entry.id   1SQS
#
_cell.length_a   49.161
_cell.length_b   81.994
_cell.length_c   63.450
_cell.angle_alpha   90
_cell.angle_beta   94.62
_cell.angle_gamma   90
#
_symmetry.space_group_name_H-M   'P 1 21 1'
#
loop_
_entity.id
_entity.type
_entity.pdbx_description
1 polymer 'conserved hypothetical protein'
2 non-polymer 'L(+)-TARTARIC ACID'
3 water water
#
_entity_poly.entity_id   1
_entity_poly.type   'polypeptide(L)'
_entity_poly.pdbx_seq_one_letter_code
;(MSE)NKIFIYAGVRNHNSKTLEYTKRLSSIISSRNNVDISFRTPFNSELEISNSDSEELFKKGIDRQSNADDGGVIKKE
LLESDIIIISSPVYLQNVSVDTKNFIERIGGWSHLFRLAGKFVVTLDVAESNGSDNVSEYLRDIFSY(MSE)GGQILHQV
SITNSLKDIAEAQL(MSE)EATYKIEDVLEGKIKYKTTDYQERAYQTLKLILENYDSEHFEK(MSE)YWEKKRLFEANSL
EEWYYVENIKLEHHHHHH
;
_entity_poly.pdbx_strand_id   A,B
#
# COMPACT_ATOMS: atom_id res chain seq x y z
N ASN A 2 -13.62 -7.76 -28.21
CA ASN A 2 -13.57 -7.57 -26.76
C ASN A 2 -12.14 -7.67 -26.23
N LYS A 3 -11.68 -6.61 -25.57
CA LYS A 3 -10.32 -6.58 -25.03
C LYS A 3 -10.30 -6.52 -23.51
N ILE A 4 -9.49 -7.38 -22.92
CA ILE A 4 -9.35 -7.44 -21.47
C ILE A 4 -7.90 -7.14 -21.07
N PHE A 5 -7.72 -6.24 -20.11
CA PHE A 5 -6.39 -5.91 -19.63
C PHE A 5 -6.27 -6.49 -18.23
N ILE A 6 -5.21 -7.25 -17.99
CA ILE A 6 -4.98 -7.86 -16.69
C ILE A 6 -3.63 -7.47 -16.13
N TYR A 7 -3.59 -6.99 -14.89
CA TYR A 7 -2.33 -6.67 -14.24
C TYR A 7 -2.32 -7.33 -12.88
N ALA A 8 -1.28 -8.13 -12.63
CA ALA A 8 -1.14 -8.80 -11.34
C ALA A 8 0.10 -8.19 -10.70
N GLY A 9 -0.09 -7.52 -9.56
CA GLY A 9 1.02 -6.91 -8.87
C GLY A 9 1.77 -7.92 -8.03
N VAL A 10 2.51 -8.81 -8.70
CA VAL A 10 3.23 -9.88 -8.04
C VAL A 10 4.73 -9.84 -8.30
N ARG A 11 5.51 -10.17 -7.26
CA ARG A 11 6.97 -10.17 -7.34
C ARG A 11 7.54 -11.52 -6.90
N ASN A 12 6.72 -12.33 -6.24
CA ASN A 12 7.12 -13.67 -5.80
C ASN A 12 6.83 -14.60 -6.98
N HIS A 13 7.85 -15.21 -7.56
CA HIS A 13 7.59 -16.07 -8.71
C HIS A 13 6.77 -17.31 -8.39
N ASN A 14 6.64 -17.62 -7.10
CA ASN A 14 5.83 -18.75 -6.68
C ASN A 14 4.46 -18.25 -6.21
N SER A 15 4.15 -17.01 -6.55
CA SER A 15 2.90 -16.35 -6.17
C SER A 15 1.61 -17.13 -6.39
N LYS A 16 0.82 -17.26 -5.33
CA LYS A 16 -0.46 -17.94 -5.45
C LYS A 16 -1.42 -16.98 -6.17
N THR A 17 -1.23 -15.68 -5.95
CA THR A 17 -2.06 -14.69 -6.61
C THR A 17 -1.88 -14.84 -8.11
N LEU A 18 -0.64 -15.04 -8.55
CA LEU A 18 -0.35 -15.20 -9.96
C LEU A 18 -1.03 -16.45 -10.51
N GLU A 19 -0.97 -17.53 -9.73
CA GLU A 19 -1.60 -18.78 -10.13
C GLU A 19 -3.09 -18.59 -10.34
N TYR A 20 -3.76 -17.95 -9.38
CA TYR A 20 -5.19 -17.71 -9.50
C TYR A 20 -5.52 -16.76 -10.65
N THR A 21 -4.67 -15.77 -10.88
CA THR A 21 -4.93 -14.82 -11.95
C THR A 21 -4.80 -15.51 -13.31
N LYS A 22 -3.80 -16.37 -13.44
CA LYS A 22 -3.62 -17.10 -14.70
C LYS A 22 -4.78 -18.06 -14.88
N ARG A 23 -5.27 -18.65 -13.78
CA ARG A 23 -6.40 -19.57 -13.85
C ARG A 23 -7.64 -18.82 -14.36
N LEU A 24 -7.88 -17.64 -13.82
CA LEU A 24 -9.02 -16.83 -14.24
C LEU A 24 -8.91 -16.49 -15.73
N SER A 25 -7.72 -16.11 -16.16
CA SER A 25 -7.49 -15.77 -17.57
C SER A 25 -7.79 -16.98 -18.45
N SER A 26 -7.30 -18.15 -18.03
CA SER A 26 -7.50 -19.38 -18.79
C SER A 26 -8.97 -19.74 -18.92
N ILE A 27 -9.72 -19.58 -17.83
CA ILE A 27 -11.14 -19.89 -17.84
C ILE A 27 -11.86 -18.98 -18.83
N ILE A 28 -11.60 -17.68 -18.73
CA ILE A 28 -12.22 -16.71 -19.61
C ILE A 28 -11.93 -16.97 -21.08
N SER A 29 -10.66 -17.16 -21.43
CA SER A 29 -10.28 -17.38 -22.82
C SER A 29 -10.79 -18.69 -23.40
N SER A 30 -10.95 -19.71 -22.55
CA SER A 30 -11.44 -21.00 -23.02
C SER A 30 -12.92 -20.95 -23.36
N ARG A 31 -13.67 -20.16 -22.59
CA ARG A 31 -15.11 -20.04 -22.78
C ARG A 31 -15.55 -18.93 -23.73
N ASN A 32 -14.69 -17.93 -23.91
CA ASN A 32 -15.04 -16.78 -24.72
C ASN A 32 -13.96 -16.32 -25.70
N ASN A 33 -14.38 -15.65 -26.76
CA ASN A 33 -13.44 -15.14 -27.73
C ASN A 33 -13.10 -13.71 -27.34
N VAL A 34 -11.92 -13.52 -26.76
CA VAL A 34 -11.48 -12.20 -26.33
C VAL A 34 -9.98 -12.01 -26.48
N ASP A 35 -9.55 -10.76 -26.52
CA ASP A 35 -8.13 -10.43 -26.64
C ASP A 35 -7.64 -10.04 -25.25
N ILE A 36 -6.77 -10.87 -24.67
CA ILE A 36 -6.26 -10.59 -23.33
C ILE A 36 -4.81 -10.15 -23.31
N SER A 37 -4.55 -9.06 -22.57
CA SER A 37 -3.19 -8.57 -22.39
C SER A 37 -2.92 -8.80 -20.91
N PHE A 38 -2.05 -9.77 -20.62
CA PHE A 38 -1.71 -10.13 -19.24
C PHE A 38 -0.34 -9.57 -18.86
N ARG A 39 -0.33 -8.60 -17.96
CA ARG A 39 0.92 -7.97 -17.54
C ARG A 39 1.25 -8.20 -16.07
N THR A 40 2.55 -8.30 -15.78
CA THR A 40 3.05 -8.50 -14.41
C THR A 40 4.46 -7.95 -14.36
N PRO A 41 5.04 -7.86 -13.14
CA PRO A 41 6.41 -7.35 -13.05
C PRO A 41 7.43 -8.29 -13.71
N PHE A 42 6.99 -9.47 -14.11
CA PHE A 42 7.89 -10.43 -14.76
C PHE A 42 7.96 -10.20 -16.26
N ASN A 43 6.92 -9.59 -16.83
CA ASN A 43 6.95 -9.34 -18.27
C ASN A 43 6.78 -7.87 -18.64
N SER A 44 6.81 -7.00 -17.64
CA SER A 44 6.68 -5.56 -17.85
C SER A 44 7.52 -4.84 -16.82
N GLU A 45 8.03 -3.67 -17.18
CA GLU A 45 8.86 -2.90 -16.26
C GLU A 45 8.20 -1.57 -15.92
N LEU A 46 7.89 -1.38 -14.64
CA LEU A 46 7.32 -0.13 -14.16
C LEU A 46 8.19 0.34 -13.02
N GLU A 47 9.03 1.32 -13.30
CA GLU A 47 9.89 1.87 -12.26
C GLU A 47 9.01 2.44 -11.16
N ILE A 48 9.52 2.49 -9.95
CA ILE A 48 8.74 3.02 -8.85
C ILE A 48 8.39 4.49 -9.10
N SER A 49 7.12 4.82 -8.97
CA SER A 49 6.64 6.17 -9.19
C SER A 49 7.42 7.21 -8.38
N ASN A 50 7.83 8.29 -9.05
CA ASN A 50 8.60 9.34 -8.39
C ASN A 50 8.07 10.72 -8.76
N SER A 51 6.83 10.76 -9.26
CA SER A 51 6.21 12.00 -9.69
C SER A 51 5.95 13.02 -8.59
N ASP A 52 5.77 14.26 -9.01
CA ASP A 52 5.49 15.36 -8.10
C ASP A 52 4.08 15.84 -8.42
N SER A 53 3.25 15.96 -7.38
CA SER A 53 1.86 16.38 -7.54
C SER A 53 1.69 17.66 -8.37
N GLU A 54 2.54 18.64 -8.09
CA GLU A 54 2.50 19.92 -8.79
C GLU A 54 2.56 19.71 -10.30
N GLU A 55 3.70 19.21 -10.78
CA GLU A 55 3.91 18.97 -12.21
C GLU A 55 2.88 18.02 -12.82
N LEU A 56 2.56 16.96 -12.09
CA LEU A 56 1.63 15.95 -12.56
C LEU A 56 0.23 16.47 -12.89
N PHE A 57 -0.40 17.14 -11.93
CA PHE A 57 -1.75 17.64 -12.15
C PHE A 57 -1.81 18.99 -12.87
N LYS A 58 -0.87 19.88 -12.55
CA LYS A 58 -0.84 21.21 -13.18
C LYS A 58 -0.37 21.22 -14.63
N LYS A 59 0.63 20.38 -14.94
CA LYS A 59 1.17 20.34 -16.28
C LYS A 59 0.97 19.02 -17.01
N GLY A 60 0.50 18.00 -16.29
CA GLY A 60 0.25 16.71 -16.89
C GLY A 60 1.51 16.06 -17.44
N ILE A 61 2.65 16.33 -16.80
CA ILE A 61 3.90 15.77 -17.27
C ILE A 61 4.24 14.42 -16.63
N ASP A 62 4.51 13.43 -17.46
CA ASP A 62 4.88 12.09 -16.99
C ASP A 62 6.32 11.86 -17.43
N ARG A 63 7.25 11.95 -16.47
CA ARG A 63 8.68 11.79 -16.75
C ARG A 63 9.17 10.34 -16.78
N GLN A 64 8.30 9.38 -16.48
CA GLN A 64 8.70 7.97 -16.45
C GLN A 64 8.14 7.05 -17.52
N SER A 65 6.91 7.30 -17.96
CA SER A 65 6.26 6.45 -18.94
C SER A 65 7.03 6.19 -20.23
N ASN A 66 7.76 7.19 -20.71
CA ASN A 66 8.55 7.02 -21.94
C ASN A 66 9.91 6.39 -21.65
N ALA A 67 10.09 5.90 -20.44
CA ALA A 67 11.36 5.27 -20.05
C ALA A 67 11.19 3.78 -19.84
N ASP A 68 9.98 3.35 -19.51
CA ASP A 68 9.70 1.93 -19.28
C ASP A 68 8.39 1.52 -19.96
N ASP A 69 7.73 0.48 -19.45
CA ASP A 69 6.50 0.03 -20.06
C ASP A 69 5.26 0.79 -19.64
N GLY A 70 5.45 1.90 -18.94
CA GLY A 70 4.33 2.70 -18.51
C GLY A 70 3.48 3.18 -19.68
N GLY A 71 4.15 3.55 -20.76
CA GLY A 71 3.45 4.03 -21.94
C GLY A 71 2.52 3.00 -22.56
N VAL A 72 3.04 1.80 -22.81
CA VAL A 72 2.25 0.75 -23.42
C VAL A 72 1.15 0.28 -22.48
N ILE A 73 1.44 0.23 -21.18
CA ILE A 73 0.44 -0.17 -20.21
C ILE A 73 -0.74 0.82 -20.22
N LYS A 74 -0.44 2.11 -20.23
CA LYS A 74 -1.50 3.12 -20.25
C LYS A 74 -2.32 2.98 -21.54
N LYS A 75 -1.63 2.74 -22.65
CA LYS A 75 -2.30 2.58 -23.94
C LYS A 75 -3.28 1.42 -23.90
N GLU A 76 -2.81 0.27 -23.39
CA GLU A 76 -3.65 -0.91 -23.31
C GLU A 76 -4.82 -0.70 -22.35
N LEU A 77 -4.61 0.06 -21.29
CA LEU A 77 -5.68 0.33 -20.35
C LEU A 77 -6.82 1.08 -21.02
N LEU A 78 -6.48 2.13 -21.76
CA LEU A 78 -7.47 2.94 -22.45
C LEU A 78 -8.18 2.19 -23.58
N GLU A 79 -7.49 1.23 -24.19
CA GLU A 79 -8.05 0.45 -25.28
C GLU A 79 -8.93 -0.69 -24.76
N SER A 80 -8.77 -1.03 -23.50
CA SER A 80 -9.52 -2.15 -22.91
C SER A 80 -10.98 -1.86 -22.60
N ASP A 81 -11.76 -2.94 -22.59
CA ASP A 81 -13.18 -2.86 -22.28
C ASP A 81 -13.35 -3.33 -20.85
N ILE A 82 -12.53 -4.29 -20.45
CA ILE A 82 -12.56 -4.85 -19.10
C ILE A 82 -11.15 -4.84 -18.54
N ILE A 83 -11.03 -4.49 -17.27
CA ILE A 83 -9.75 -4.42 -16.59
C ILE A 83 -9.78 -5.31 -15.37
N ILE A 84 -8.79 -6.19 -15.24
CA ILE A 84 -8.70 -7.07 -14.08
C ILE A 84 -7.42 -6.73 -13.35
N ILE A 85 -7.55 -6.36 -12.07
CA ILE A 85 -6.39 -6.01 -11.26
C ILE A 85 -6.30 -7.01 -10.11
N SER A 86 -5.17 -7.68 -9.95
CA SER A 86 -5.03 -8.63 -8.86
C SER A 86 -3.84 -8.28 -7.99
N SER A 87 -4.01 -8.53 -6.69
CA SER A 87 -2.97 -8.23 -5.72
C SER A 87 -2.93 -9.20 -4.57
N PRO A 88 -1.73 -9.54 -4.10
CA PRO A 88 -1.55 -10.43 -2.96
C PRO A 88 -1.96 -9.51 -1.81
N VAL A 89 -2.40 -10.09 -0.70
CA VAL A 89 -2.74 -9.30 0.47
C VAL A 89 -1.65 -9.66 1.46
N TYR A 90 -0.62 -8.81 1.57
CA TYR A 90 0.47 -9.08 2.50
C TYR A 90 0.53 -7.92 3.48
N LEU A 91 0.47 -8.25 4.77
CA LEU A 91 0.48 -7.23 5.81
C LEU A 91 -0.74 -6.32 5.68
N GLN A 92 -1.89 -6.95 5.42
CA GLN A 92 -3.18 -6.28 5.32
C GLN A 92 -3.26 -5.09 4.40
N ASN A 93 -2.56 -5.15 3.27
CA ASN A 93 -2.58 -4.07 2.31
C ASN A 93 -2.24 -4.64 0.94
N VAL A 94 -2.41 -3.82 -0.10
CA VAL A 94 -2.06 -4.26 -1.45
C VAL A 94 -0.54 -4.42 -1.51
N SER A 95 -0.06 -5.13 -2.51
CA SER A 95 1.36 -5.35 -2.67
C SER A 95 2.10 -4.09 -3.14
N VAL A 96 3.42 -4.12 -2.98
CA VAL A 96 4.25 -3.01 -3.41
C VAL A 96 3.98 -2.71 -4.88
N ASP A 97 3.96 -3.75 -5.70
CA ASP A 97 3.74 -3.53 -7.13
C ASP A 97 2.34 -3.08 -7.47
N THR A 98 1.34 -3.49 -6.69
CA THR A 98 -0.02 -3.04 -6.96
C THR A 98 -0.08 -1.54 -6.61
N LYS A 99 0.52 -1.15 -5.49
CA LYS A 99 0.52 0.26 -5.13
C LYS A 99 1.26 1.04 -6.20
N ASN A 100 2.34 0.47 -6.74
CA ASN A 100 3.07 1.19 -7.78
C ASN A 100 2.27 1.33 -9.06
N PHE A 101 1.54 0.30 -9.44
CA PHE A 101 0.71 0.37 -10.63
C PHE A 101 -0.27 1.54 -10.46
N ILE A 102 -0.90 1.60 -9.30
CA ILE A 102 -1.84 2.66 -8.99
C ILE A 102 -1.19 4.04 -9.01
N GLU A 103 -0.02 4.18 -8.40
CA GLU A 103 0.65 5.47 -8.40
C GLU A 103 1.09 5.88 -9.80
N ARG A 104 1.50 4.90 -10.62
CA ARG A 104 1.94 5.23 -11.97
C ARG A 104 0.81 5.76 -12.86
N ILE A 105 -0.43 5.44 -12.54
CA ILE A 105 -1.55 5.98 -13.32
C ILE A 105 -2.26 7.09 -12.52
N GLY A 106 -1.59 7.54 -11.46
CA GLY A 106 -2.16 8.58 -10.61
C GLY A 106 -2.45 9.89 -11.32
N GLY A 107 -1.77 10.13 -12.43
CA GLY A 107 -1.99 11.35 -13.19
C GLY A 107 -3.41 11.43 -13.74
N TRP A 108 -4.12 10.30 -13.74
CA TRP A 108 -5.49 10.25 -14.26
C TRP A 108 -6.54 10.39 -13.16
N SER A 109 -6.07 10.60 -11.93
CA SER A 109 -6.95 10.74 -10.77
C SER A 109 -8.21 11.56 -10.94
N HIS A 110 -8.10 12.71 -11.60
CA HIS A 110 -9.25 13.60 -11.74
C HIS A 110 -9.80 13.71 -13.16
N LEU A 111 -9.46 12.74 -14.00
CA LEU A 111 -9.88 12.75 -15.40
C LEU A 111 -10.94 11.76 -15.84
N PHE A 112 -11.31 10.81 -14.96
CA PHE A 112 -12.32 9.82 -15.29
C PHE A 112 -12.01 9.06 -16.59
N ARG A 113 -10.73 8.75 -16.81
CA ARG A 113 -10.32 8.06 -18.03
C ARG A 113 -10.79 6.62 -18.09
N LEU A 114 -11.21 6.07 -16.94
CA LEU A 114 -11.69 4.69 -16.95
C LEU A 114 -13.21 4.61 -17.08
N ALA A 115 -13.85 5.75 -17.32
CA ALA A 115 -15.30 5.77 -17.48
C ALA A 115 -15.66 4.84 -18.64
N GLY A 116 -16.70 4.04 -18.44
CA GLY A 116 -17.13 3.11 -19.48
C GLY A 116 -16.50 1.73 -19.37
N LYS A 117 -15.42 1.63 -18.61
CA LYS A 117 -14.73 0.36 -18.45
C LYS A 117 -15.23 -0.43 -17.25
N PHE A 118 -15.18 -1.75 -17.35
CA PHE A 118 -15.63 -2.60 -16.26
C PHE A 118 -14.41 -3.18 -15.59
N VAL A 119 -14.37 -3.05 -14.26
CA VAL A 119 -13.24 -3.50 -13.48
C VAL A 119 -13.58 -4.66 -12.57
N VAL A 120 -12.72 -5.66 -12.57
CA VAL A 120 -12.87 -6.82 -11.72
C VAL A 120 -11.60 -6.86 -10.89
N THR A 121 -11.73 -7.01 -9.58
CA THR A 121 -10.54 -7.06 -8.74
C THR A 121 -10.43 -8.43 -8.09
N LEU A 122 -9.19 -8.83 -7.87
CA LEU A 122 -8.89 -10.12 -7.25
C LEU A 122 -7.83 -9.88 -6.20
N ASP A 123 -8.13 -10.21 -4.95
CA ASP A 123 -7.15 -10.06 -3.90
C ASP A 123 -7.05 -11.40 -3.20
N VAL A 124 -5.81 -11.79 -2.90
CA VAL A 124 -5.52 -13.09 -2.33
C VAL A 124 -4.68 -13.01 -1.07
N ALA A 125 -5.20 -13.58 0.02
CA ALA A 125 -4.52 -13.56 1.31
C ALA A 125 -4.16 -14.97 1.76
N GLU A 126 -2.97 -15.13 2.33
CA GLU A 126 -2.51 -16.43 2.79
C GLU A 126 -2.77 -16.68 4.27
N SER A 127 -3.41 -15.72 4.93
CA SER A 127 -3.70 -15.85 6.35
C SER A 127 -4.90 -15.00 6.78
N ASN A 128 -5.54 -14.37 5.80
CA ASN A 128 -6.70 -13.52 6.08
C ASN A 128 -6.30 -12.50 7.14
N GLY A 129 -7.21 -12.16 8.04
CA GLY A 129 -6.89 -11.21 9.09
C GLY A 129 -7.72 -9.93 9.05
N SER A 130 -8.87 -10.01 8.40
CA SER A 130 -9.76 -8.85 8.28
C SER A 130 -9.04 -7.62 7.72
N ASP A 131 -8.96 -7.54 6.40
CA ASP A 131 -8.31 -6.40 5.75
C ASP A 131 -9.36 -5.66 4.92
N ASN A 132 -8.99 -4.50 4.40
CA ASN A 132 -9.90 -3.71 3.58
C ASN A 132 -9.33 -3.46 2.19
N VAL A 133 -8.58 -4.45 1.69
CA VAL A 133 -7.99 -4.33 0.37
C VAL A 133 -9.04 -4.23 -0.73
N SER A 134 -10.05 -5.09 -0.70
CA SER A 134 -11.06 -5.02 -1.75
C SER A 134 -11.75 -3.66 -1.74
N GLU A 135 -11.99 -3.11 -0.56
CA GLU A 135 -12.64 -1.81 -0.45
C GLU A 135 -11.74 -0.71 -1.03
N TYR A 136 -10.45 -0.83 -0.77
CA TYR A 136 -9.49 0.15 -1.27
C TYR A 136 -9.44 0.11 -2.81
N LEU A 137 -9.35 -1.08 -3.38
CA LEU A 137 -9.30 -1.19 -4.83
C LEU A 137 -10.60 -0.69 -5.45
N ARG A 138 -11.72 -0.95 -4.77
CA ARG A 138 -13.01 -0.49 -5.24
C ARG A 138 -13.02 1.04 -5.32
N ASP A 139 -12.59 1.69 -4.23
CA ASP A 139 -12.55 3.14 -4.17
C ASP A 139 -11.65 3.77 -5.24
N ILE A 140 -10.44 3.24 -5.37
CA ILE A 140 -9.50 3.80 -6.34
C ILE A 140 -9.98 3.70 -7.77
N PHE A 141 -10.34 2.50 -8.20
CA PHE A 141 -10.77 2.32 -9.57
C PHE A 141 -12.13 2.91 -9.91
N SER A 142 -13.00 3.02 -8.91
CA SER A 142 -14.31 3.62 -9.16
C SER A 142 -14.12 5.14 -9.26
N TYR A 143 -13.25 5.70 -8.41
CA TYR A 143 -13.00 7.15 -8.46
C TYR A 143 -12.43 7.50 -9.84
N GLY A 145 -13.27 6.29 -12.49
CA GLY A 145 -14.33 6.16 -13.48
C GLY A 145 -14.80 4.77 -13.83
N GLY A 146 -14.05 3.75 -13.45
CA GLY A 146 -14.45 2.40 -13.78
C GLY A 146 -15.65 1.89 -12.99
N GLN A 147 -16.43 1.01 -13.62
CA GLN A 147 -17.56 0.42 -12.91
C GLN A 147 -16.98 -0.83 -12.28
N ILE A 148 -17.21 -1.01 -10.98
CA ILE A 148 -16.71 -2.19 -10.30
C ILE A 148 -17.71 -3.30 -10.55
N LEU A 149 -17.40 -4.13 -11.54
CA LEU A 149 -18.26 -5.23 -11.96
C LEU A 149 -18.34 -6.36 -10.95
N HIS A 150 -17.20 -6.70 -10.35
CA HIS A 150 -17.17 -7.78 -9.39
C HIS A 150 -15.84 -7.82 -8.66
N GLN A 151 -15.88 -8.26 -7.41
CA GLN A 151 -14.68 -8.36 -6.59
C GLN A 151 -14.57 -9.75 -5.98
N VAL A 152 -13.37 -10.30 -6.07
CA VAL A 152 -13.08 -11.62 -5.54
C VAL A 152 -11.99 -11.51 -4.49
N SER A 153 -12.27 -12.03 -3.31
CA SER A 153 -11.29 -12.04 -2.24
C SER A 153 -11.12 -13.51 -1.88
N ILE A 154 -9.92 -14.04 -2.14
CA ILE A 154 -9.61 -15.43 -1.83
C ILE A 154 -8.71 -15.50 -0.61
N THR A 155 -8.86 -16.56 0.17
CA THR A 155 -8.03 -16.77 1.36
C THR A 155 -7.59 -18.24 1.37
N ASN A 156 -6.39 -18.50 1.86
CA ASN A 156 -5.88 -19.87 1.89
C ASN A 156 -6.75 -20.76 2.78
N SER A 157 -7.37 -20.15 3.80
CA SER A 157 -8.23 -20.89 4.72
C SER A 157 -9.54 -21.30 4.03
N LEU A 158 -9.87 -20.60 2.94
CA LEU A 158 -11.08 -20.90 2.18
C LEU A 158 -10.70 -21.12 0.72
N LYS A 159 -9.53 -21.70 0.50
CA LYS A 159 -9.04 -21.97 -0.85
C LYS A 159 -9.91 -22.98 -1.59
N ASP A 160 -10.74 -23.72 -0.85
CA ASP A 160 -11.57 -24.73 -1.48
C ASP A 160 -12.71 -24.15 -2.32
N ILE A 161 -13.01 -22.87 -2.13
CA ILE A 161 -14.07 -22.24 -2.91
C ILE A 161 -13.48 -21.30 -3.97
N ALA A 162 -12.16 -21.25 -4.06
CA ALA A 162 -11.48 -20.39 -5.02
C ALA A 162 -11.96 -20.62 -6.44
N GLU A 163 -12.02 -21.89 -6.85
CA GLU A 163 -12.46 -22.24 -8.20
C GLU A 163 -13.85 -21.68 -8.47
N ALA A 164 -14.77 -21.88 -7.52
CA ALA A 164 -16.13 -21.39 -7.67
C ALA A 164 -16.13 -19.88 -7.75
N GLN A 165 -15.24 -19.23 -7.00
CA GLN A 165 -15.17 -17.79 -7.02
C GLN A 165 -14.68 -17.27 -8.36
N LEU A 166 -13.71 -17.95 -8.95
CA LEU A 166 -13.20 -17.51 -10.24
C LEU A 166 -14.22 -17.77 -11.35
N GLU A 168 -17.44 -17.63 -10.95
CA GLU A 168 -18.44 -16.59 -10.77
C GLU A 168 -17.97 -15.29 -11.41
N ALA A 169 -16.70 -14.96 -11.24
CA ALA A 169 -16.14 -13.75 -11.84
C ALA A 169 -16.26 -13.85 -13.36
N THR A 170 -15.97 -15.04 -13.89
CA THR A 170 -16.05 -15.25 -15.32
C THR A 170 -17.48 -15.02 -15.81
N TYR A 171 -18.47 -15.50 -15.05
CA TYR A 171 -19.88 -15.31 -15.42
C TYR A 171 -20.23 -13.83 -15.51
N LYS A 172 -19.73 -13.05 -14.56
CA LYS A 172 -20.00 -11.62 -14.52
C LYS A 172 -19.37 -10.94 -15.73
N ILE A 173 -18.16 -11.37 -16.07
CA ILE A 173 -17.45 -10.83 -17.22
C ILE A 173 -18.18 -11.17 -18.51
N GLU A 174 -18.69 -12.41 -18.60
CA GLU A 174 -19.40 -12.82 -19.80
C GLU A 174 -20.64 -11.96 -20.02
N ASP A 175 -21.27 -11.49 -18.95
CA ASP A 175 -22.44 -10.64 -19.12
C ASP A 175 -22.02 -9.38 -19.87
N VAL A 176 -20.82 -8.87 -19.59
CA VAL A 176 -20.34 -7.67 -20.27
C VAL A 176 -20.00 -8.01 -21.73
N LEU A 177 -19.30 -9.13 -21.93
CA LEU A 177 -18.92 -9.55 -23.27
C LEU A 177 -20.15 -9.77 -24.16
N GLU A 178 -21.24 -10.19 -23.53
CA GLU A 178 -22.48 -10.44 -24.26
C GLU A 178 -23.40 -9.24 -24.34
N GLY A 179 -22.93 -8.10 -23.85
CA GLY A 179 -23.71 -6.87 -23.90
C GLY A 179 -24.95 -6.83 -23.01
N LYS A 180 -24.97 -7.65 -21.97
CA LYS A 180 -26.12 -7.68 -21.06
C LYS A 180 -26.04 -6.62 -19.97
N ILE A 181 -24.88 -6.01 -19.80
CA ILE A 181 -24.72 -4.98 -18.78
C ILE A 181 -24.08 -3.75 -19.38
N LYS A 182 -24.65 -2.58 -19.07
CA LYS A 182 -24.12 -1.33 -19.59
C LYS A 182 -23.54 -0.50 -18.45
N TYR A 183 -22.60 0.37 -18.80
CA TYR A 183 -21.94 1.22 -17.81
C TYR A 183 -22.93 2.15 -17.11
N LYS A 184 -22.90 2.12 -15.78
CA LYS A 184 -23.76 2.96 -14.96
C LYS A 184 -22.94 3.44 -13.76
N THR A 185 -23.02 4.74 -13.49
CA THR A 185 -22.26 5.32 -12.39
C THR A 185 -22.95 5.15 -11.05
N THR A 186 -22.15 5.22 -9.99
CA THR A 186 -22.64 5.10 -8.62
C THR A 186 -22.72 6.51 -8.04
N ASP A 187 -23.38 6.63 -6.89
CA ASP A 187 -23.49 7.93 -6.24
C ASP A 187 -22.10 8.43 -5.88
N TYR A 188 -21.24 7.51 -5.43
CA TYR A 188 -19.88 7.86 -5.06
C TYR A 188 -19.19 8.57 -6.23
N GLN A 189 -19.34 8.02 -7.43
CA GLN A 189 -18.72 8.61 -8.60
C GLN A 189 -19.34 9.94 -9.00
N GLU A 190 -20.66 10.06 -8.92
CA GLU A 190 -21.30 11.30 -9.30
C GLU A 190 -20.92 12.42 -8.33
N ARG A 191 -20.79 12.11 -7.05
CA ARG A 191 -20.40 13.14 -6.10
C ARG A 191 -18.96 13.57 -6.38
N ALA A 192 -18.08 12.61 -6.69
CA ALA A 192 -16.70 12.94 -6.99
C ALA A 192 -16.66 13.86 -8.21
N TYR A 193 -17.47 13.53 -9.22
CA TYR A 193 -17.54 14.32 -10.44
C TYR A 193 -17.99 15.75 -10.17
N GLN A 194 -19.05 15.92 -9.40
CA GLN A 194 -19.54 17.26 -9.09
C GLN A 194 -18.54 18.04 -8.24
N THR A 195 -17.86 17.34 -7.34
CA THR A 195 -16.86 17.96 -6.47
C THR A 195 -15.69 18.49 -7.30
N LEU A 196 -15.18 17.65 -8.19
CA LEU A 196 -14.05 18.05 -9.03
C LEU A 196 -14.44 19.17 -10.00
N LYS A 197 -15.67 19.12 -10.50
CA LYS A 197 -16.13 20.16 -11.43
C LYS A 197 -16.03 21.55 -10.83
N LEU A 198 -16.49 21.70 -9.60
CA LEU A 198 -16.46 22.98 -8.91
C LEU A 198 -15.05 23.48 -8.68
N ILE A 199 -14.15 22.56 -8.38
CA ILE A 199 -12.75 22.89 -8.12
C ILE A 199 -11.99 23.26 -9.40
N LEU A 200 -12.06 22.38 -10.40
CA LEU A 200 -11.37 22.62 -11.66
C LEU A 200 -11.88 23.83 -12.43
N GLU A 201 -13.16 24.14 -12.26
CA GLU A 201 -13.75 25.28 -12.96
C GLU A 201 -13.04 26.57 -12.56
N ASN A 202 -12.53 26.61 -11.33
CA ASN A 202 -11.83 27.78 -10.81
C ASN A 202 -10.34 27.82 -11.14
N TYR A 203 -9.82 26.71 -11.67
CA TYR A 203 -8.40 26.66 -12.02
C TYR A 203 -8.05 27.62 -13.14
N ASP A 204 -6.75 27.78 -13.37
CA ASP A 204 -6.26 28.67 -14.42
C ASP A 204 -6.52 28.03 -15.79
N SER A 205 -6.74 28.87 -16.80
CA SER A 205 -7.00 28.39 -18.15
C SER A 205 -5.86 27.56 -18.72
N GLU A 206 -4.69 27.63 -18.09
CA GLU A 206 -3.52 26.89 -18.55
C GLU A 206 -3.31 25.60 -17.75
N HIS A 207 -4.18 25.35 -16.79
CA HIS A 207 -4.08 24.15 -15.96
C HIS A 207 -4.41 22.92 -16.79
N PHE A 208 -3.52 21.95 -16.77
CA PHE A 208 -3.69 20.73 -17.53
C PHE A 208 -5.02 20.01 -17.34
N GLU A 209 -5.45 19.84 -16.10
CA GLU A 209 -6.71 19.15 -15.86
C GLU A 209 -7.90 19.96 -16.37
N LYS A 210 -7.85 21.27 -16.20
CA LYS A 210 -8.95 22.10 -16.66
C LYS A 210 -9.04 22.05 -18.19
N TYR A 212 -8.12 19.64 -20.04
CA TYR A 212 -8.61 18.31 -20.39
C TYR A 212 -10.13 18.26 -20.28
N TRP A 213 -10.66 18.76 -19.16
CA TRP A 213 -12.10 18.77 -18.96
C TRP A 213 -12.82 19.57 -20.04
N GLU A 214 -12.22 20.69 -20.44
CA GLU A 214 -12.81 21.52 -21.48
C GLU A 214 -12.80 20.79 -22.82
N LYS A 215 -11.67 20.15 -23.12
CA LYS A 215 -11.52 19.42 -24.38
C LYS A 215 -12.49 18.24 -24.46
N LYS A 216 -12.66 17.52 -23.34
CA LYS A 216 -13.55 16.37 -23.30
C LYS A 216 -15.01 16.74 -23.04
N ARG A 217 -15.25 18.04 -22.81
CA ARG A 217 -16.59 18.55 -22.54
C ARG A 217 -17.19 18.01 -21.25
N LEU A 218 -16.34 17.81 -20.24
CA LEU A 218 -16.78 17.31 -18.95
C LEU A 218 -17.51 18.40 -18.15
N PHE A 219 -17.24 19.67 -18.44
CA PHE A 219 -17.88 20.75 -17.71
C PHE A 219 -19.37 20.90 -18.07
N GLU A 220 -19.67 20.82 -19.36
CA GLU A 220 -21.03 20.98 -19.87
C GLU A 220 -22.06 19.92 -19.46
N ALA A 221 -21.62 18.67 -19.30
CA ALA A 221 -22.52 17.58 -18.95
C ALA A 221 -23.20 17.81 -17.60
N ASN A 222 -24.35 17.16 -17.42
CA ASN A 222 -25.10 17.29 -16.17
C ASN A 222 -24.68 16.25 -15.15
N SER A 223 -24.09 15.16 -15.63
CA SER A 223 -23.63 14.09 -14.75
C SER A 223 -22.55 13.31 -15.47
N LEU A 224 -21.81 12.50 -14.72
CA LEU A 224 -20.74 11.70 -15.32
C LEU A 224 -21.35 10.67 -16.26
N GLU A 225 -22.45 10.04 -15.85
CA GLU A 225 -23.07 9.02 -16.70
C GLU A 225 -23.61 9.64 -17.99
N GLU A 226 -24.25 10.80 -17.87
CA GLU A 226 -24.77 11.47 -19.05
C GLU A 226 -23.61 11.83 -19.97
N TRP A 227 -22.54 12.36 -19.40
CA TRP A 227 -21.37 12.74 -20.17
C TRP A 227 -20.87 11.56 -21.00
N TYR A 228 -20.78 10.39 -20.37
CA TYR A 228 -20.29 9.21 -21.06
C TYR A 228 -21.11 8.84 -22.28
N TYR A 229 -22.43 8.90 -22.16
CA TYR A 229 -23.29 8.53 -23.28
C TYR A 229 -23.60 9.65 -24.28
N VAL A 230 -23.60 10.89 -23.82
CA VAL A 230 -23.89 12.02 -24.70
C VAL A 230 -22.65 12.52 -25.43
N GLU A 231 -21.50 12.48 -24.77
CA GLU A 231 -20.25 12.93 -25.36
C GLU A 231 -19.02 12.16 -24.91
N ASN A 232 -18.79 11.03 -25.55
CA ASN A 232 -17.65 10.17 -25.23
C ASN A 232 -17.59 8.98 -26.20
N ASN B 2 21.87 6.91 22.99
CA ASN B 2 20.52 6.72 22.45
C ASN B 2 20.57 6.72 20.92
N LYS B 3 19.86 5.77 20.32
CA LYS B 3 19.82 5.66 18.88
C LYS B 3 18.41 5.78 18.31
N ILE B 4 18.28 6.52 17.22
CA ILE B 4 17.00 6.70 16.55
C ILE B 4 17.15 6.32 15.09
N PHE B 5 16.29 5.43 14.63
CA PHE B 5 16.30 5.01 13.24
C PHE B 5 15.13 5.66 12.54
N ILE B 6 15.41 6.29 11.40
CA ILE B 6 14.37 6.96 10.64
C ILE B 6 14.35 6.49 9.20
N TYR B 7 13.16 6.17 8.70
CA TYR B 7 13.02 5.77 7.32
C TYR B 7 11.85 6.52 6.72
N ALA B 8 12.13 7.20 5.61
CA ALA B 8 11.11 7.97 4.91
C ALA B 8 10.92 7.32 3.54
N GLY B 9 9.74 6.76 3.31
CA GLY B 9 9.46 6.11 2.03
C GLY B 9 9.12 7.09 0.93
N VAL B 10 10.12 7.85 0.50
CA VAL B 10 9.94 8.87 -0.54
C VAL B 10 10.80 8.64 -1.78
N ARG B 11 10.24 8.99 -2.94
CA ARG B 11 10.89 8.86 -4.24
C ARG B 11 11.15 10.17 -4.94
N ASN B 12 10.54 11.24 -4.44
CA ASN B 12 10.73 12.56 -5.04
C ASN B 12 11.57 13.38 -4.07
N HIS B 13 12.68 13.93 -4.56
CA HIS B 13 13.55 14.72 -3.68
C HIS B 13 12.89 15.98 -3.14
N ASN B 14 11.86 16.48 -3.82
CA ASN B 14 11.15 17.68 -3.37
C ASN B 14 9.97 17.32 -2.49
N SER B 15 9.91 16.05 -2.10
CA SER B 15 8.84 15.54 -1.24
C SER B 15 8.60 16.36 0.01
N LYS B 16 7.35 16.72 0.25
CA LYS B 16 7.01 17.49 1.43
C LYS B 16 7.21 16.56 2.64
N THR B 17 6.95 15.28 2.45
CA THR B 17 7.13 14.30 3.52
C THR B 17 8.58 14.28 3.97
N LEU B 18 9.50 14.31 3.01
CA LEU B 18 10.93 14.30 3.32
C LEU B 18 11.30 15.58 4.06
N GLU B 19 10.73 16.70 3.62
CA GLU B 19 10.99 17.99 4.24
C GLU B 19 10.58 17.95 5.72
N TYR B 20 9.38 17.47 6.00
CA TYR B 20 8.91 17.40 7.38
C TYR B 20 9.67 16.39 8.22
N THR B 21 10.10 15.29 7.59
CA THR B 21 10.84 14.27 8.32
C THR B 21 12.22 14.83 8.69
N LYS B 22 12.82 15.57 7.76
CA LYS B 22 14.13 16.18 8.00
C LYS B 22 13.98 17.24 9.10
N ARG B 23 12.85 17.96 9.07
CA ARG B 23 12.59 18.99 10.07
C ARG B 23 12.51 18.36 11.45
N LEU B 24 11.76 17.26 11.57
CA LEU B 24 11.62 16.58 12.86
C LEU B 24 12.99 16.12 13.35
N SER B 25 13.80 15.56 12.46
CA SER B 25 15.13 15.09 12.81
C SER B 25 15.99 16.26 13.32
N SER B 26 15.92 17.39 12.62
CA SER B 26 16.69 18.57 12.98
C SER B 26 16.30 19.10 14.37
N ILE B 27 15.00 19.12 14.65
CA ILE B 27 14.51 19.59 15.93
C ILE B 27 15.05 18.72 17.06
N ILE B 28 14.90 17.41 16.92
CA ILE B 28 15.37 16.48 17.93
C ILE B 28 16.87 16.63 18.19
N SER B 29 17.65 16.69 17.13
CA SER B 29 19.11 16.82 17.24
C SER B 29 19.55 18.15 17.84
N SER B 30 18.73 19.19 17.66
CA SER B 30 19.06 20.52 18.17
C SER B 30 18.70 20.65 19.65
N ARG B 31 18.07 19.63 20.21
CA ARG B 31 17.67 19.65 21.61
C ARG B 31 18.19 18.45 22.40
N ASN B 32 18.72 17.46 21.68
CA ASN B 32 19.22 16.25 22.30
C ASN B 32 20.48 15.71 21.65
N ASN B 33 21.26 14.97 22.41
CA ASN B 33 22.48 14.36 21.88
C ASN B 33 22.16 12.90 21.58
N VAL B 34 21.80 12.62 20.34
CA VAL B 34 21.45 11.25 19.95
C VAL B 34 22.10 10.84 18.64
N ASP B 35 22.08 9.53 18.38
CA ASP B 35 22.64 8.98 17.16
C ASP B 35 21.48 8.67 16.23
N ILE B 36 21.33 9.47 15.18
CA ILE B 36 20.24 9.28 14.22
C ILE B 36 20.70 8.70 12.89
N SER B 37 20.04 7.64 12.44
CA SER B 37 20.33 7.02 11.17
C SER B 37 19.14 7.35 10.28
N PHE B 38 19.36 8.21 9.29
CA PHE B 38 18.28 8.63 8.40
C PHE B 38 18.38 7.92 7.06
N ARG B 39 17.42 7.05 6.77
CA ARG B 39 17.44 6.32 5.52
C ARG B 39 16.23 6.59 4.63
N THR B 40 16.47 6.52 3.32
CA THR B 40 15.44 6.76 2.32
C THR B 40 15.83 5.97 1.08
N PRO B 41 14.95 5.92 0.08
CA PRO B 41 15.25 5.18 -1.14
C PRO B 41 16.44 5.82 -1.88
N PHE B 42 16.78 7.05 -1.51
CA PHE B 42 17.90 7.75 -2.15
C PHE B 42 19.25 7.29 -1.63
N ASN B 43 19.35 6.99 -0.34
CA ASN B 43 20.62 6.56 0.24
C ASN B 43 20.64 5.11 0.68
N SER B 44 19.54 4.40 0.46
CA SER B 44 19.45 3.00 0.84
C SER B 44 18.79 2.20 -0.27
N GLU B 45 19.33 1.03 -0.53
CA GLU B 45 18.79 0.19 -1.59
C GLU B 45 17.99 -0.98 -1.04
N LEU B 46 16.69 -0.97 -1.31
CA LEU B 46 15.81 -2.05 -0.86
C LEU B 46 15.00 -2.53 -2.06
N GLU B 47 15.45 -3.61 -2.67
CA GLU B 47 14.75 -4.17 -3.83
C GLU B 47 13.33 -4.52 -3.41
N ILE B 48 12.40 -4.49 -4.36
CA ILE B 48 11.02 -4.82 -4.04
C ILE B 48 10.94 -6.24 -3.48
N SER B 49 10.31 -6.36 -2.32
CA SER B 49 10.18 -7.65 -1.64
C SER B 49 9.63 -8.75 -2.55
N ASN B 50 10.30 -9.89 -2.59
CA ASN B 50 9.87 -10.99 -3.44
C ASN B 50 9.70 -12.30 -2.68
N SER B 51 9.64 -12.20 -1.35
CA SER B 51 9.52 -13.36 -0.49
C SER B 51 8.28 -14.23 -0.68
N ASP B 52 8.43 -15.49 -0.32
CA ASP B 52 7.34 -16.47 -0.39
C ASP B 52 7.01 -16.82 1.07
N SER B 53 5.74 -16.72 1.45
CA SER B 53 5.33 -16.99 2.82
C SER B 53 5.76 -18.33 3.40
N GLU B 54 5.59 -19.40 2.63
CA GLU B 54 5.97 -20.72 3.11
C GLU B 54 7.45 -20.78 3.46
N GLU B 55 8.30 -20.36 2.53
CA GLU B 55 9.73 -20.39 2.75
C GLU B 55 10.15 -19.43 3.86
N LEU B 56 9.52 -18.26 3.87
CA LEU B 56 9.84 -17.22 4.86
C LEU B 56 9.49 -17.59 6.30
N PHE B 57 8.25 -18.01 6.51
CA PHE B 57 7.78 -18.34 7.85
C PHE B 57 8.12 -19.76 8.31
N LYS B 58 8.10 -20.73 7.40
CA LYS B 58 8.39 -22.10 7.79
C LYS B 58 9.88 -22.39 7.90
N LYS B 59 10.69 -21.74 7.06
CA LYS B 59 12.13 -22.00 7.09
C LYS B 59 13.00 -20.78 7.35
N GLY B 60 12.38 -19.62 7.49
CA GLY B 60 13.14 -18.40 7.74
C GLY B 60 14.04 -18.03 6.58
N ILE B 61 13.62 -18.40 5.37
CA ILE B 61 14.42 -18.10 4.18
C ILE B 61 14.14 -16.73 3.59
N ASP B 62 15.17 -15.90 3.52
CA ASP B 62 15.07 -14.57 2.95
C ASP B 62 16.18 -14.40 1.93
N ARG B 63 15.80 -14.44 0.65
CA ARG B 63 16.77 -14.33 -0.43
C ARG B 63 16.87 -12.90 -1.00
N GLN B 64 17.04 -11.92 -0.13
CA GLN B 64 17.18 -10.53 -0.59
C GLN B 64 18.04 -9.62 0.26
N SER B 65 17.88 -9.69 1.57
CA SER B 65 18.63 -8.82 2.47
C SER B 65 20.14 -8.86 2.26
N ASN B 66 20.69 -10.04 2.02
CA ASN B 66 22.12 -10.17 1.80
C ASN B 66 22.49 -9.84 0.35
N ALA B 67 21.62 -9.06 -0.30
CA ALA B 67 21.85 -8.65 -1.68
C ALA B 67 21.82 -7.13 -1.78
N ASP B 68 21.15 -6.49 -0.84
CA ASP B 68 21.05 -5.03 -0.81
C ASP B 68 21.23 -4.48 0.61
N ASP B 69 20.61 -3.35 0.91
CA ASP B 69 20.75 -2.75 2.23
C ASP B 69 19.75 -3.25 3.26
N GLY B 70 19.01 -4.31 2.91
CA GLY B 70 18.05 -4.88 3.84
C GLY B 70 18.71 -5.33 5.13
N GLY B 71 19.86 -5.98 5.00
CA GLY B 71 20.58 -6.46 6.18
C GLY B 71 20.97 -5.36 7.15
N VAL B 72 21.60 -4.31 6.63
CA VAL B 72 22.03 -3.21 7.49
C VAL B 72 20.82 -2.49 8.09
N ILE B 73 19.72 -2.39 7.34
CA ILE B 73 18.53 -1.73 7.85
C ILE B 73 17.96 -2.56 9.01
N LYS B 74 17.92 -3.87 8.85
CA LYS B 74 17.41 -4.72 9.92
C LYS B 74 18.30 -4.58 11.16
N LYS B 75 19.60 -4.53 10.96
CA LYS B 75 20.52 -4.40 12.09
C LYS B 75 20.31 -3.08 12.83
N GLU B 76 20.17 -1.99 12.08
CA GLU B 76 19.96 -0.69 12.71
C GLU B 76 18.62 -0.62 13.44
N LEU B 77 17.60 -1.27 12.90
CA LEU B 77 16.29 -1.27 13.54
C LEU B 77 16.38 -1.95 14.90
N LEU B 78 17.06 -3.08 14.95
CA LEU B 78 17.21 -3.84 16.19
C LEU B 78 18.07 -3.15 17.25
N GLU B 79 18.99 -2.31 16.82
CA GLU B 79 19.86 -1.61 17.77
C GLU B 79 19.31 -0.24 18.15
N SER B 80 18.23 0.16 17.49
CA SER B 80 17.64 1.46 17.77
C SER B 80 16.73 1.45 18.99
N ASP B 81 16.61 2.61 19.62
CA ASP B 81 15.75 2.76 20.78
C ASP B 81 14.40 3.30 20.32
N ILE B 82 14.44 4.19 19.34
CA ILE B 82 13.23 4.77 18.78
C ILE B 82 13.26 4.62 17.26
N ILE B 83 12.11 4.32 16.69
CA ILE B 83 11.97 4.14 15.26
C ILE B 83 10.94 5.13 14.72
N ILE B 84 11.32 5.89 13.71
CA ILE B 84 10.42 6.86 13.08
C ILE B 84 10.21 6.43 11.64
N ILE B 85 8.95 6.22 11.27
CA ILE B 85 8.59 5.81 9.92
C ILE B 85 7.71 6.89 9.33
N SER B 86 8.09 7.40 8.16
CA SER B 86 7.29 8.44 7.53
C SER B 86 6.90 8.06 6.11
N SER B 87 5.69 8.44 5.73
CA SER B 87 5.19 8.12 4.41
C SER B 87 4.29 9.18 3.83
N PRO B 88 4.40 9.43 2.52
CA PRO B 88 3.52 10.42 1.92
C PRO B 88 2.19 9.67 1.89
N VAL B 89 1.08 10.40 1.75
CA VAL B 89 -0.22 9.78 1.64
C VAL B 89 -0.58 10.06 0.19
N TYR B 90 -0.44 9.06 -0.68
CA TYR B 90 -0.78 9.26 -2.09
C TYR B 90 -1.81 8.20 -2.45
N LEU B 91 -2.93 8.64 -3.01
CA LEU B 91 -4.02 7.75 -3.36
C LEU B 91 -4.54 7.03 -2.12
N GLN B 92 -4.65 7.78 -1.03
CA GLN B 92 -5.17 7.28 0.23
C GLN B 92 -4.52 6.02 0.79
N ASN B 93 -3.21 5.90 0.61
CA ASN B 93 -2.50 4.73 1.11
C ASN B 93 -1.04 5.12 1.32
N VAL B 94 -0.26 4.24 1.95
CA VAL B 94 1.16 4.50 2.13
C VAL B 94 1.82 4.45 0.76
N SER B 95 3.02 5.02 0.67
CA SER B 95 3.76 5.03 -0.58
C SER B 95 4.28 3.66 -0.94
N VAL B 96 4.69 3.51 -2.19
CA VAL B 96 5.25 2.26 -2.67
C VAL B 96 6.43 1.86 -1.79
N ASP B 97 7.32 2.81 -1.51
CA ASP B 97 8.49 2.47 -0.71
C ASP B 97 8.18 2.18 0.75
N THR B 98 7.13 2.78 1.29
CA THR B 98 6.78 2.50 2.67
C THR B 98 6.24 1.08 2.73
N LYS B 99 5.39 0.71 1.77
CA LYS B 99 4.86 -0.65 1.77
C LYS B 99 6.03 -1.62 1.58
N ASN B 100 7.02 -1.25 0.77
CA ASN B 100 8.16 -2.15 0.57
C ASN B 100 8.98 -2.33 1.83
N PHE B 101 9.18 -1.25 2.57
CA PHE B 101 9.93 -1.32 3.82
C PHE B 101 9.23 -2.32 4.75
N ILE B 102 7.91 -2.20 4.84
CA ILE B 102 7.11 -3.09 5.66
C ILE B 102 7.18 -4.54 5.19
N GLU B 103 7.09 -4.76 3.88
CA GLU B 103 7.18 -6.13 3.38
C GLU B 103 8.56 -6.72 3.61
N ARG B 104 9.61 -5.91 3.49
CA ARG B 104 10.96 -6.43 3.69
C ARG B 104 11.24 -6.89 5.13
N ILE B 105 10.45 -6.42 6.10
CA ILE B 105 10.64 -6.89 7.48
C ILE B 105 9.46 -7.79 7.86
N GLY B 106 8.71 -8.23 6.85
CA GLY B 106 7.56 -9.09 7.07
C GLY B 106 7.92 -10.42 7.71
N GLY B 107 9.18 -10.83 7.56
CA GLY B 107 9.61 -12.07 8.15
C GLY B 107 9.54 -12.03 9.67
N TRP B 108 9.39 -10.83 10.22
CA TRP B 108 9.30 -10.64 11.67
C TRP B 108 7.86 -10.56 12.15
N SER B 109 6.92 -10.72 11.23
CA SER B 109 5.49 -10.63 11.55
C SER B 109 5.00 -11.29 12.83
N HIS B 110 5.47 -12.51 13.11
CA HIS B 110 5.00 -13.23 14.30
C HIS B 110 6.07 -13.42 15.37
N LEU B 111 7.10 -12.60 15.33
CA LEU B 111 8.22 -12.73 16.28
C LEU B 111 8.36 -11.65 17.35
N PHE B 112 7.57 -10.57 17.26
CA PHE B 112 7.64 -9.47 18.22
C PHE B 112 9.07 -8.94 18.40
N ARG B 113 9.80 -8.81 17.30
CA ARG B 113 11.17 -8.32 17.36
C ARG B 113 11.28 -6.84 17.69
N LEU B 114 10.16 -6.13 17.61
CA LEU B 114 10.18 -4.70 17.93
C LEU B 114 9.76 -4.44 19.36
N ALA B 115 9.55 -5.50 20.13
CA ALA B 115 9.16 -5.33 21.53
C ALA B 115 10.26 -4.51 22.21
N GLY B 116 9.85 -3.55 23.03
CA GLY B 116 10.81 -2.71 23.73
C GLY B 116 11.16 -1.45 22.96
N LYS B 117 10.80 -1.40 21.68
CA LYS B 117 11.10 -0.23 20.87
C LYS B 117 9.91 0.72 20.82
N PHE B 118 10.20 2.00 20.69
CA PHE B 118 9.15 3.01 20.62
C PHE B 118 9.09 3.48 19.18
N VAL B 119 7.87 3.51 18.64
CA VAL B 119 7.65 3.91 17.25
C VAL B 119 6.86 5.19 17.11
N VAL B 120 7.34 6.07 16.24
CA VAL B 120 6.65 7.32 15.96
C VAL B 120 6.38 7.27 14.46
N THR B 121 5.15 7.58 14.06
CA THR B 121 4.81 7.56 12.64
C THR B 121 4.46 8.95 12.17
N LEU B 122 4.78 9.22 10.91
CA LEU B 122 4.49 10.51 10.31
C LEU B 122 3.95 10.27 8.91
N ASP B 123 2.73 10.74 8.66
CA ASP B 123 2.19 10.59 7.32
C ASP B 123 1.78 11.99 6.89
N VAL B 124 2.02 12.29 5.62
CA VAL B 124 1.75 13.62 5.08
C VAL B 124 0.92 13.56 3.82
N ALA B 125 -0.22 14.25 3.84
CA ALA B 125 -1.11 14.30 2.69
C ALA B 125 -1.13 15.71 2.13
N GLU B 126 -0.88 15.84 0.83
CA GLU B 126 -0.87 17.14 0.18
C GLU B 126 -2.28 17.61 -0.13
N SER B 127 -3.25 16.73 0.07
CA SER B 127 -4.65 17.03 -0.17
C SER B 127 -5.42 16.81 1.13
N ASN B 128 -6.54 17.49 1.28
CA ASN B 128 -7.35 17.35 2.48
C ASN B 128 -8.52 16.39 2.22
N GLY B 129 -8.23 15.10 2.22
CA GLY B 129 -9.27 14.11 1.98
C GLY B 129 -9.47 13.18 3.16
N SER B 130 -9.71 11.91 2.87
CA SER B 130 -9.91 10.91 3.91
C SER B 130 -9.07 9.66 3.67
N ASP B 131 -8.40 9.20 4.71
CA ASP B 131 -7.55 8.01 4.62
C ASP B 131 -7.33 7.42 6.01
N ASN B 132 -6.87 6.18 6.05
CA ASN B 132 -6.60 5.51 7.30
C ASN B 132 -5.15 5.07 7.36
N VAL B 133 -4.27 5.88 6.79
CA VAL B 133 -2.86 5.55 6.80
C VAL B 133 -2.26 5.47 8.19
N SER B 134 -2.53 6.45 9.05
CA SER B 134 -1.97 6.40 10.39
C SER B 134 -2.43 5.14 11.14
N GLU B 135 -3.71 4.77 10.96
CA GLU B 135 -4.23 3.58 11.62
C GLU B 135 -3.52 2.33 11.10
N TYR B 136 -3.26 2.29 9.80
CA TYR B 136 -2.57 1.16 9.21
C TYR B 136 -1.17 1.02 9.78
N LEU B 137 -0.42 2.12 9.83
CA LEU B 137 0.94 2.09 10.36
C LEU B 137 0.94 1.69 11.83
N ARG B 138 -0.08 2.17 12.57
CA ARG B 138 -0.20 1.84 13.98
C ARG B 138 -0.38 0.34 14.15
N ASP B 139 -1.31 -0.25 13.39
CA ASP B 139 -1.58 -1.67 13.48
C ASP B 139 -0.37 -2.54 13.13
N ILE B 140 0.30 -2.22 12.03
CA ILE B 140 1.46 -2.99 11.61
C ILE B 140 2.61 -2.97 12.60
N PHE B 141 3.05 -1.78 13.00
CA PHE B 141 4.16 -1.70 13.93
C PHE B 141 3.82 -2.15 15.34
N SER B 142 2.56 -2.01 15.73
CA SER B 142 2.15 -2.45 17.06
C SER B 142 2.16 -3.98 17.07
N TYR B 143 1.61 -4.59 16.04
CA TYR B 143 1.57 -6.04 15.95
C TYR B 143 2.98 -6.62 15.98
N GLY B 145 5.26 -5.64 17.70
CA GLY B 145 5.80 -5.49 19.04
C GLY B 145 6.18 -4.10 19.51
N GLY B 146 6.23 -3.15 18.58
CA GLY B 146 6.60 -1.80 18.97
C GLY B 146 5.52 -1.06 19.72
N GLN B 147 5.94 -0.13 20.58
CA GLN B 147 4.98 0.69 21.30
C GLN B 147 4.79 1.93 20.46
N ILE B 148 3.53 2.22 20.10
CA ILE B 148 3.24 3.40 19.31
C ILE B 148 3.30 4.58 20.26
N LEU B 149 4.42 5.29 20.22
CA LEU B 149 4.64 6.42 21.10
C LEU B 149 3.82 7.64 20.71
N HIS B 150 3.78 7.92 19.42
CA HIS B 150 3.05 9.08 18.93
C HIS B 150 2.85 8.98 17.42
N GLN B 151 1.77 9.56 16.93
CA GLN B 151 1.48 9.57 15.50
C GLN B 151 1.16 10.98 15.05
N VAL B 152 1.75 11.37 13.93
CA VAL B 152 1.55 12.69 13.37
C VAL B 152 1.02 12.56 11.95
N SER B 153 -0.12 13.17 11.68
CA SER B 153 -0.71 13.17 10.35
C SER B 153 -0.81 14.63 9.94
N ILE B 154 0.03 15.04 9.00
CA ILE B 154 0.05 16.41 8.52
C ILE B 154 -0.79 16.50 7.24
N THR B 155 -1.63 17.52 7.17
CA THR B 155 -2.50 17.73 6.02
C THR B 155 -2.44 19.17 5.58
N ASN B 156 -2.41 19.39 4.27
CA ASN B 156 -2.37 20.73 3.72
C ASN B 156 -3.78 21.32 3.74
N SER B 157 -4.00 22.27 4.66
CA SER B 157 -5.31 22.90 4.79
C SER B 157 -5.12 24.40 5.01
N LEU B 158 -6.16 25.07 5.52
CA LEU B 158 -6.07 26.51 5.77
C LEU B 158 -5.33 26.81 7.05
N LYS B 159 -5.46 25.93 8.05
CA LYS B 159 -4.77 26.14 9.31
C LYS B 159 -3.53 25.26 9.35
N ASP B 160 -2.36 25.88 9.30
CA ASP B 160 -1.10 25.14 9.31
C ASP B 160 -0.64 24.87 10.73
N ILE B 161 -0.63 23.60 11.12
CA ILE B 161 -0.23 23.21 12.46
C ILE B 161 0.96 22.24 12.44
N ALA B 162 1.57 22.07 11.26
CA ALA B 162 2.69 21.17 11.10
C ALA B 162 3.81 21.34 12.13
N GLU B 163 4.27 22.57 12.31
CA GLU B 163 5.34 22.82 13.29
C GLU B 163 4.95 22.38 14.69
N ALA B 164 3.76 22.76 15.11
CA ALA B 164 3.27 22.39 16.44
C ALA B 164 3.20 20.88 16.57
N GLN B 165 2.76 20.20 15.50
CA GLN B 165 2.66 18.76 15.52
C GLN B 165 4.02 18.09 15.70
N LEU B 166 5.03 18.60 14.99
CA LEU B 166 6.36 18.03 15.09
C LEU B 166 6.99 18.29 16.46
N GLU B 168 5.32 18.57 19.24
CA GLU B 168 4.62 17.67 20.15
C GLU B 168 5.22 16.27 20.06
N ALA B 169 5.61 15.86 18.86
CA ALA B 169 6.21 14.54 18.66
C ALA B 169 7.58 14.53 19.31
N THR B 170 8.28 15.66 19.25
CA THR B 170 9.61 15.77 19.84
C THR B 170 9.55 15.62 21.35
N TYR B 171 8.53 16.21 21.97
CA TYR B 171 8.38 16.10 23.43
C TYR B 171 8.19 14.64 23.85
N LYS B 172 7.39 13.90 23.09
CA LYS B 172 7.14 12.49 23.40
C LYS B 172 8.45 11.71 23.28
N ILE B 173 9.19 11.98 22.21
CA ILE B 173 10.46 11.32 21.97
C ILE B 173 11.45 11.62 23.09
N GLU B 174 11.50 12.87 23.52
CA GLU B 174 12.41 13.27 24.58
C GLU B 174 12.11 12.57 25.91
N ASP B 175 10.84 12.32 26.16
CA ASP B 175 10.43 11.65 27.38
C ASP B 175 11.01 10.24 27.41
N VAL B 176 11.22 9.67 26.22
CA VAL B 176 11.79 8.34 26.11
C VAL B 176 13.31 8.46 26.25
N LEU B 177 13.89 9.47 25.60
CA LEU B 177 15.32 9.70 25.66
C LEU B 177 15.78 9.90 27.11
N GLU B 178 14.97 10.62 27.88
CA GLU B 178 15.29 10.90 29.27
C GLU B 178 14.96 9.73 30.18
N GLY B 179 14.26 8.74 29.62
CA GLY B 179 13.89 7.56 30.39
C GLY B 179 12.67 7.72 31.27
N LYS B 180 11.76 8.62 30.91
CA LYS B 180 10.55 8.85 31.69
C LYS B 180 9.43 7.91 31.28
N ILE B 181 9.53 7.34 30.08
CA ILE B 181 8.52 6.42 29.58
C ILE B 181 9.14 5.05 29.31
N LYS B 182 8.54 4.01 29.90
CA LYS B 182 9.03 2.66 29.72
C LYS B 182 8.07 1.84 28.86
N TYR B 183 8.61 0.85 28.16
CA TYR B 183 7.82 0.00 27.29
C TYR B 183 6.68 -0.71 28.01
N LYS B 184 5.47 -0.54 27.49
CA LYS B 184 4.28 -1.18 28.04
C LYS B 184 3.42 -1.68 26.87
N THR B 185 2.96 -2.92 26.96
CA THR B 185 2.14 -3.47 25.89
C THR B 185 0.68 -3.05 26.01
N THR B 186 -0.04 -3.19 24.91
CA THR B 186 -1.46 -2.85 24.86
C THR B 186 -2.27 -4.14 24.81
N ASP B 187 -3.57 -4.03 25.02
CA ASP B 187 -4.45 -5.19 24.99
C ASP B 187 -4.39 -5.82 23.60
N TYR B 188 -4.33 -4.97 22.58
CA TYR B 188 -4.26 -5.40 21.19
C TYR B 188 -3.04 -6.32 21.01
N GLN B 189 -1.91 -5.91 21.58
CA GLN B 189 -0.69 -6.69 21.47
C GLN B 189 -0.74 -7.98 22.28
N GLU B 190 -1.28 -7.91 23.49
CA GLU B 190 -1.36 -9.10 24.33
C GLU B 190 -2.32 -10.12 23.70
N ARG B 191 -3.37 -9.62 23.07
CA ARG B 191 -4.32 -10.51 22.41
C ARG B 191 -3.63 -11.20 21.23
N ALA B 192 -2.84 -10.43 20.49
CA ALA B 192 -2.13 -10.98 19.35
C ALA B 192 -1.14 -12.04 19.83
N TYR B 193 -0.48 -11.77 20.95
CA TYR B 193 0.49 -12.69 21.52
C TYR B 193 -0.15 -14.02 21.92
N GLN B 194 -1.28 -13.95 22.62
CA GLN B 194 -1.97 -15.17 23.04
C GLN B 194 -2.50 -15.95 21.85
N THR B 195 -3.00 -15.24 20.85
CA THR B 195 -3.52 -15.88 19.64
C THR B 195 -2.42 -16.64 18.91
N LEU B 196 -1.28 -15.99 18.74
CA LEU B 196 -0.14 -16.62 18.06
C LEU B 196 0.39 -17.82 18.83
N LYS B 197 0.45 -17.71 20.15
CA LYS B 197 0.95 -18.81 20.97
C LYS B 197 0.19 -20.10 20.68
N LEU B 198 -1.13 -20.00 20.63
CA LEU B 198 -1.97 -21.16 20.38
C LEU B 198 -1.74 -21.76 18.99
N ILE B 199 -1.53 -20.90 18.01
CA ILE B 199 -1.30 -21.34 16.65
C ILE B 199 0.06 -22.01 16.47
N LEU B 200 1.12 -21.28 16.81
CA LEU B 200 2.47 -21.81 16.69
C LEU B 200 2.65 -23.06 17.54
N GLU B 201 1.85 -23.16 18.60
CA GLU B 201 1.88 -24.31 19.50
C GLU B 201 1.67 -25.61 18.74
N ASN B 202 0.78 -25.58 17.76
CA ASN B 202 0.46 -26.77 16.96
C ASN B 202 1.33 -26.94 15.72
N TYR B 203 2.21 -25.97 15.46
CA TYR B 203 3.09 -26.05 14.31
C TYR B 203 4.05 -27.22 14.43
N ASP B 204 4.75 -27.52 13.33
CA ASP B 204 5.73 -28.59 13.31
C ASP B 204 6.89 -28.24 14.22
N SER B 205 7.46 -29.25 14.86
CA SER B 205 8.57 -29.05 15.77
C SER B 205 9.79 -28.38 15.14
N GLU B 206 9.86 -28.40 13.81
CA GLU B 206 10.99 -27.79 13.11
C GLU B 206 10.63 -26.50 12.38
N HIS B 207 9.41 -26.01 12.61
CA HIS B 207 8.94 -24.77 11.99
C HIS B 207 9.79 -23.61 12.52
N PHE B 208 10.30 -22.79 11.61
CA PHE B 208 11.15 -21.65 11.97
C PHE B 208 10.59 -20.76 13.07
N GLU B 209 9.31 -20.43 12.98
CA GLU B 209 8.69 -19.56 13.99
C GLU B 209 8.49 -20.29 15.31
N LYS B 210 8.10 -21.56 15.25
CA LYS B 210 7.90 -22.31 16.47
C LYS B 210 9.22 -22.40 17.21
N TYR B 212 11.73 -20.33 17.02
CA TYR B 212 12.12 -19.01 17.51
C TYR B 212 11.44 -18.82 18.86
N TRP B 213 10.16 -19.14 18.92
CA TRP B 213 9.39 -19.01 20.15
C TRP B 213 9.90 -19.93 21.26
N GLU B 214 10.36 -21.12 20.88
CA GLU B 214 10.88 -22.04 21.89
C GLU B 214 12.22 -21.56 22.43
N LYS B 215 13.15 -21.27 21.54
CA LYS B 215 14.48 -20.80 21.94
C LYS B 215 14.44 -19.45 22.68
N LYS B 216 13.48 -18.61 22.34
CA LYS B 216 13.34 -17.29 22.97
C LYS B 216 12.52 -17.34 24.25
N ARG B 217 11.96 -18.51 24.55
CA ARG B 217 11.14 -18.72 25.74
C ARG B 217 9.84 -17.92 25.71
N LEU B 218 9.29 -17.71 24.52
CA LEU B 218 8.02 -16.98 24.39
C LEU B 218 6.86 -17.86 24.83
N PHE B 219 7.06 -19.18 24.79
CA PHE B 219 6.00 -20.11 25.20
C PHE B 219 5.85 -20.21 26.71
N GLU B 220 6.95 -20.08 27.45
CA GLU B 220 6.89 -20.18 28.90
C GLU B 220 6.66 -18.86 29.62
N ALA B 221 6.11 -17.88 28.91
CA ALA B 221 5.81 -16.58 29.50
C ALA B 221 4.30 -16.46 29.61
N ASN B 222 3.83 -15.63 30.54
CA ASN B 222 2.40 -15.43 30.75
C ASN B 222 1.81 -14.34 29.87
N SER B 223 2.69 -13.47 29.38
CA SER B 223 2.26 -12.37 28.52
C SER B 223 3.46 -11.85 27.76
N LEU B 224 3.20 -11.03 26.74
CA LEU B 224 4.28 -10.46 25.95
C LEU B 224 5.10 -9.50 26.79
N GLU B 225 4.43 -8.69 27.60
CA GLU B 225 5.14 -7.74 28.43
C GLU B 225 6.03 -8.45 29.44
N GLU B 226 5.54 -9.53 30.04
CA GLU B 226 6.34 -10.28 30.99
C GLU B 226 7.57 -10.82 30.28
N TRP B 227 7.35 -11.43 29.12
CA TRP B 227 8.44 -11.99 28.33
C TRP B 227 9.54 -10.95 28.11
N TYR B 228 9.14 -9.75 27.68
CA TYR B 228 10.11 -8.70 27.41
C TYR B 228 10.95 -8.33 28.63
N TYR B 229 10.29 -8.11 29.77
CA TYR B 229 11.01 -7.74 30.99
C TYR B 229 11.79 -8.86 31.66
N VAL B 230 11.28 -10.08 31.59
CA VAL B 230 11.95 -11.21 32.20
C VAL B 230 13.16 -11.67 31.39
N GLU B 231 13.00 -11.72 30.07
CA GLU B 231 14.09 -12.15 29.20
C GLU B 231 14.98 -10.98 28.78
N ASN B 232 14.44 -10.13 27.91
CA ASN B 232 15.17 -8.96 27.41
C ASN B 232 15.58 -8.05 28.56
#